data_9HYG
#
_entry.id   9HYG
#
_cell.length_a   33.230
_cell.length_b   55.860
_cell.length_c   45.020
_cell.angle_alpha   90.00
_cell.angle_beta   100.00
_cell.angle_gamma   90.00
#
_symmetry.space_group_name_H-M   'P 1 21 1'
#
loop_
_entity.id
_entity.type
_entity.pdbx_description
1 polymer 'Protein S100'
2 non-polymer 'SODIUM ION'
3 water water
#
_entity_poly.entity_id   1
_entity_poly.type   'polypeptide(L)'
_entity_poly.pdbx_seq_one_letter_code
;GAMATSDTQKAMAMLIATFHKYSGKEGDKLTLSKGELKELLSAELGDIFGKTTDKAALDKIFKDLDANADGSVDFQEYIT
LIACITMLCNEFFTGKK
;
_entity_poly.pdbx_strand_id   A,B
#
loop_
_chem_comp.id
_chem_comp.type
_chem_comp.name
_chem_comp.formula
NA non-polymer 'SODIUM ION' 'Na 1'
#
# COMPACT_ATOMS: atom_id res chain seq x y z
N ALA A 4 -7.49 7.71 19.98
CA ALA A 4 -8.07 8.02 18.68
C ALA A 4 -7.14 7.60 17.54
N THR A 5 -7.73 7.28 16.40
CA THR A 5 -7.02 6.66 15.29
C THR A 5 -7.42 7.36 13.99
N SER A 6 -6.43 7.73 13.18
CA SER A 6 -6.71 8.46 11.96
C SER A 6 -7.27 7.53 10.88
N ASP A 7 -7.82 8.14 9.83
CA ASP A 7 -8.21 7.41 8.64
C ASP A 7 -7.08 6.52 8.15
N THR A 8 -5.86 7.06 8.11
CA THR A 8 -4.75 6.29 7.56
C THR A 8 -4.34 5.15 8.48
N GLN A 9 -4.26 5.41 9.78
CA GLN A 9 -3.94 4.33 10.72
C GLN A 9 -4.98 3.22 10.62
N LYS A 10 -6.26 3.61 10.58
CA LYS A 10 -7.33 2.61 10.54
CA LYS A 10 -7.33 2.61 10.54
C LYS A 10 -7.27 1.80 9.25
N ALA A 11 -7.12 2.48 8.11
CA ALA A 11 -7.09 1.77 6.83
C ALA A 11 -5.92 0.80 6.77
N MET A 12 -4.73 1.25 7.19
CA MET A 12 -3.57 0.36 7.18
CA MET A 12 -3.59 0.34 7.13
C MET A 12 -3.78 -0.84 8.09
N ALA A 13 -4.37 -0.60 9.26
CA ALA A 13 -4.60 -1.70 10.19
C ALA A 13 -5.57 -2.70 9.57
N MET A 14 -6.59 -2.19 8.87
CA MET A 14 -7.53 -3.06 8.19
C MET A 14 -6.84 -3.88 7.10
N LEU A 15 -5.97 -3.23 6.29
CA LEU A 15 -5.28 -3.96 5.22
C LEU A 15 -4.40 -5.04 5.83
N ILE A 16 -3.71 -4.74 6.92
CA ILE A 16 -2.83 -5.74 7.51
C ILE A 16 -3.66 -6.89 8.08
N ALA A 17 -4.79 -6.58 8.71
CA ALA A 17 -5.61 -7.61 9.32
C ALA A 17 -6.11 -8.61 8.26
N THR A 18 -6.63 -8.10 7.14
CA THR A 18 -7.07 -8.97 6.06
C THR A 18 -5.91 -9.81 5.53
N PHE A 19 -4.76 -9.18 5.31
CA PHE A 19 -3.59 -9.89 4.81
C PHE A 19 -3.20 -11.01 5.75
N HIS A 20 -3.21 -10.74 7.06
CA HIS A 20 -2.77 -11.74 8.02
C HIS A 20 -3.80 -12.85 8.19
N LYS A 21 -5.07 -12.55 7.97
CA LYS A 21 -6.10 -13.58 8.02
C LYS A 21 -5.83 -14.64 6.97
N TYR A 22 -5.50 -14.21 5.75
CA TYR A 22 -5.20 -15.17 4.70
C TYR A 22 -3.79 -15.74 4.81
N SER A 23 -2.84 -14.96 5.32
CA SER A 23 -1.49 -15.49 5.43
CA SER A 23 -1.47 -15.46 5.47
C SER A 23 -1.41 -16.54 6.52
N GLY A 24 -2.25 -16.47 7.52
CA GLY A 24 -2.26 -17.48 8.56
C GLY A 24 -2.86 -18.80 8.15
N LYS A 25 -3.31 -18.95 6.91
CA LYS A 25 -4.00 -20.18 6.52
C LYS A 25 -3.04 -21.30 6.12
N GLU A 26 -1.84 -20.97 5.64
CA GLU A 26 -0.89 -22.00 5.26
C GLU A 26 0.51 -21.39 5.21
N GLY A 27 1.52 -22.26 5.15
CA GLY A 27 2.88 -21.79 5.08
C GLY A 27 3.24 -20.88 6.26
N ASP A 28 4.10 -19.91 5.98
CA ASP A 28 4.53 -18.98 7.02
C ASP A 28 3.37 -18.09 7.45
N LYS A 29 3.28 -17.87 8.76
CA LYS A 29 2.18 -17.08 9.31
C LYS A 29 2.16 -15.65 8.77
N LEU A 30 3.32 -15.12 8.38
CA LEU A 30 3.42 -13.70 8.01
C LEU A 30 3.58 -13.47 6.52
N THR A 31 3.42 -14.49 5.68
CA THR A 31 3.52 -14.29 4.24
C THR A 31 2.34 -14.97 3.58
N LEU A 32 2.13 -14.61 2.33
CA LEU A 32 0.95 -15.03 1.60
C LEU A 32 1.34 -15.98 0.49
N SER A 33 0.78 -17.18 0.52
CA SER A 33 0.96 -18.13 -0.54
C SER A 33 0.23 -17.66 -1.79
N LYS A 34 0.61 -18.25 -2.93
CA LYS A 34 -0.03 -17.88 -4.18
C LYS A 34 -1.51 -18.24 -4.17
N GLY A 35 -1.83 -19.43 -3.69
CA GLY A 35 -3.23 -19.84 -3.64
C GLY A 35 -4.06 -18.98 -2.72
N GLU A 36 -3.49 -18.57 -1.59
CA GLU A 36 -4.22 -17.70 -0.68
C GLU A 36 -4.35 -16.28 -1.23
N LEU A 37 -3.39 -15.84 -2.04
CA LEU A 37 -3.53 -14.55 -2.70
C LEU A 37 -4.70 -14.55 -3.67
N LYS A 38 -4.86 -15.62 -4.44
CA LYS A 38 -5.99 -15.73 -5.35
C LYS A 38 -7.31 -15.69 -4.58
N GLU A 39 -7.40 -16.46 -3.50
CA GLU A 39 -8.61 -16.45 -2.69
C GLU A 39 -8.87 -15.07 -2.14
N LEU A 40 -7.83 -14.41 -1.62
CA LEU A 40 -7.99 -13.07 -1.09
C LEU A 40 -8.49 -12.11 -2.17
N LEU A 41 -7.89 -12.15 -3.36
CA LEU A 41 -8.26 -11.17 -4.38
C LEU A 41 -9.70 -11.38 -4.83
N SER A 42 -10.13 -12.63 -4.97
CA SER A 42 -11.50 -12.89 -5.38
C SER A 42 -12.50 -12.43 -4.34
N ALA A 43 -12.16 -12.54 -3.06
CA ALA A 43 -13.07 -12.17 -1.98
C ALA A 43 -13.02 -10.68 -1.66
N GLU A 44 -11.87 -10.04 -1.84
CA GLU A 44 -11.70 -8.64 -1.45
C GLU A 44 -11.77 -7.67 -2.62
N LEU A 45 -11.46 -8.12 -3.84
CA LEU A 45 -11.64 -7.33 -5.05
C LEU A 45 -12.40 -8.16 -6.08
N GLY A 46 -13.61 -8.56 -5.70
CA GLY A 46 -14.37 -9.52 -6.49
C GLY A 46 -14.80 -8.99 -7.85
N ASP A 47 -15.03 -7.69 -7.97
CA ASP A 47 -15.42 -7.13 -9.27
C ASP A 47 -14.28 -7.24 -10.27
N ILE A 48 -13.03 -7.07 -9.81
CA ILE A 48 -11.89 -7.07 -10.71
C ILE A 48 -11.40 -8.50 -10.97
N PHE A 49 -11.32 -9.31 -9.91
CA PHE A 49 -10.89 -10.69 -10.01
C PHE A 49 -12.09 -11.63 -9.93
N GLY A 50 -11.84 -12.91 -9.67
CA GLY A 50 -12.86 -13.92 -9.57
C GLY A 50 -12.37 -15.21 -10.18
N LYS A 51 -13.32 -16.08 -10.54
CA LYS A 51 -13.00 -17.29 -11.28
C LYS A 51 -13.18 -17.15 -12.78
N THR A 52 -13.99 -16.18 -13.21
CA THR A 52 -14.09 -15.86 -14.63
C THR A 52 -12.98 -14.90 -15.02
N THR A 53 -11.75 -15.25 -14.68
CA THR A 53 -10.57 -14.47 -15.06
C THR A 53 -9.49 -15.44 -15.52
N ASP A 54 -8.30 -14.91 -15.77
CA ASP A 54 -7.20 -15.68 -16.34
C ASP A 54 -6.22 -16.07 -15.24
N LYS A 55 -6.01 -17.37 -15.06
CA LYS A 55 -5.01 -17.86 -14.12
C LYS A 55 -3.66 -17.19 -14.38
N ALA A 56 -3.21 -17.23 -15.65
CA ALA A 56 -1.92 -16.65 -16.00
C ALA A 56 -1.76 -15.25 -15.46
N ALA A 57 -2.85 -14.48 -15.39
CA ALA A 57 -2.78 -13.15 -14.78
C ALA A 57 -2.15 -13.21 -13.40
N LEU A 58 -2.43 -14.27 -12.64
CA LEU A 58 -1.93 -14.38 -11.27
C LEU A 58 -0.56 -15.04 -11.20
N ASP A 59 -0.30 -16.06 -12.02
CA ASP A 59 1.04 -16.63 -12.08
C ASP A 59 2.06 -15.53 -12.36
N LYS A 60 1.75 -14.64 -13.31
CA LYS A 60 2.65 -13.55 -13.67
C LYS A 60 2.82 -12.58 -12.51
N ILE A 61 1.72 -11.98 -12.04
CA ILE A 61 1.85 -10.97 -10.98
C ILE A 61 2.48 -11.57 -9.73
N PHE A 62 2.16 -12.82 -9.41
CA PHE A 62 2.74 -13.44 -8.22
C PHE A 62 4.25 -13.53 -8.33
N LYS A 63 4.75 -14.01 -9.47
CA LYS A 63 6.20 -14.06 -9.69
C LYS A 63 6.82 -12.68 -9.56
N ASP A 64 6.11 -11.63 -10.01
CA ASP A 64 6.64 -10.28 -9.92
C ASP A 64 6.72 -9.80 -8.47
N LEU A 65 5.74 -10.18 -7.64
CA LEU A 65 5.67 -9.66 -6.28
C LEU A 65 6.60 -10.39 -5.33
N ASP A 66 6.90 -11.66 -5.62
CA ASP A 66 7.69 -12.55 -4.76
C ASP A 66 9.16 -12.21 -4.96
N ALA A 67 9.61 -11.17 -4.25
CA ALA A 67 10.93 -10.61 -4.51
C ALA A 67 12.04 -11.61 -4.24
N ASN A 68 11.91 -12.41 -3.18
CA ASN A 68 12.94 -13.37 -2.81
C ASN A 68 12.71 -14.76 -3.40
N ALA A 69 11.69 -14.92 -4.23
CA ALA A 69 11.42 -16.17 -4.95
C ALA A 69 11.24 -17.35 -3.98
N ASP A 70 10.68 -17.10 -2.81
CA ASP A 70 10.43 -18.16 -1.84
C ASP A 70 9.02 -18.73 -1.93
N GLY A 71 8.22 -18.29 -2.89
CA GLY A 71 6.90 -18.83 -3.06
C GLY A 71 5.89 -18.23 -2.12
N SER A 72 6.16 -17.01 -1.64
CA SER A 72 5.20 -16.28 -0.82
C SER A 72 5.38 -14.79 -1.07
N VAL A 73 4.41 -14.03 -0.62
CA VAL A 73 4.40 -12.58 -0.78
C VAL A 73 4.35 -11.95 0.60
N ASP A 74 5.24 -10.99 0.86
CA ASP A 74 5.23 -10.19 2.07
CA ASP A 74 5.18 -10.24 2.09
C ASP A 74 4.17 -9.09 1.94
N PHE A 75 3.82 -8.49 3.07
CA PHE A 75 2.79 -7.44 3.03
C PHE A 75 3.22 -6.26 2.17
N GLN A 76 4.50 -5.89 2.23
CA GLN A 76 4.97 -4.73 1.47
C GLN A 76 4.77 -4.96 -0.02
N GLU A 77 5.04 -6.19 -0.47
CA GLU A 77 4.86 -6.53 -1.87
CA GLU A 77 4.85 -6.52 -1.88
C GLU A 77 3.37 -6.62 -2.22
N TYR A 78 2.58 -7.20 -1.31
CA TYR A 78 1.14 -7.31 -1.52
C TYR A 78 0.49 -5.93 -1.67
N ILE A 79 0.86 -4.99 -0.80
CA ILE A 79 0.16 -3.71 -0.82
C ILE A 79 0.57 -2.91 -2.05
N THR A 80 1.78 -3.15 -2.56
CA THR A 80 2.21 -2.58 -3.83
C THR A 80 1.28 -3.01 -4.96
N LEU A 81 0.87 -4.28 -4.99
CA LEU A 81 -0.07 -4.72 -6.01
C LEU A 81 -1.43 -4.04 -5.83
N ILE A 82 -2.00 -4.16 -4.63
CA ILE A 82 -3.32 -3.59 -4.38
C ILE A 82 -3.35 -2.12 -4.77
N ALA A 83 -2.32 -1.38 -4.38
CA ALA A 83 -2.28 0.05 -4.69
C ALA A 83 -2.17 0.28 -6.19
N CYS A 84 -1.37 -0.53 -6.87
CA CYS A 84 -1.26 -0.39 -8.32
C CYS A 84 -2.61 -0.60 -8.99
N ILE A 85 -3.36 -1.61 -8.54
CA ILE A 85 -4.65 -1.91 -9.17
C ILE A 85 -5.60 -0.72 -9.04
N THR A 86 -5.72 -0.16 -7.83
CA THR A 86 -6.68 0.90 -7.61
C THR A 86 -6.35 2.14 -8.44
N MET A 87 -5.15 2.23 -8.98
CA MET A 87 -4.75 3.35 -9.82
C MET A 87 -4.35 2.93 -11.22
N LEU A 88 -4.44 1.64 -11.55
CA LEU A 88 -4.08 1.14 -12.87
C LEU A 88 -2.65 1.55 -13.25
N CYS A 89 -1.73 1.33 -12.33
CA CYS A 89 -0.38 1.85 -12.49
C CYS A 89 0.38 1.07 -13.56
N ASN A 90 1.30 1.76 -14.24
CA ASN A 90 1.97 1.18 -15.40
C ASN A 90 2.84 -0.01 -15.04
N GLU A 91 3.26 -0.15 -13.78
CA GLU A 91 4.16 -1.25 -13.41
C GLU A 91 3.57 -2.59 -13.83
N PHE A 92 2.28 -2.78 -13.63
CA PHE A 92 1.61 -4.05 -13.88
C PHE A 92 0.60 -4.01 -15.01
N PHE A 93 0.20 -2.83 -15.45
CA PHE A 93 -0.86 -2.68 -16.45
C PHE A 93 -0.21 -2.32 -17.78
N THR A 94 -0.08 -3.33 -18.64
CA THR A 94 0.64 -3.23 -19.89
C THR A 94 -0.10 -2.36 -20.89
N ALA B 4 -22.18 -3.92 -1.30
CA ALA B 4 -21.18 -4.92 -0.94
C ALA B 4 -19.77 -4.41 -1.21
N THR B 5 -19.17 -3.79 -0.20
CA THR B 5 -17.83 -3.25 -0.29
C THR B 5 -16.96 -3.95 0.75
N SER B 6 -15.86 -4.53 0.29
CA SER B 6 -15.02 -5.34 1.16
C SER B 6 -14.22 -4.45 2.10
N ASP B 7 -13.60 -5.09 3.10
CA ASP B 7 -12.69 -4.37 3.98
C ASP B 7 -11.57 -3.73 3.18
N THR B 8 -11.02 -4.46 2.21
CA THR B 8 -9.90 -3.93 1.42
C THR B 8 -10.36 -2.74 0.58
N GLN B 9 -11.54 -2.84 -0.03
CA GLN B 9 -12.07 -1.72 -0.80
C GLN B 9 -12.25 -0.49 0.09
N LYS B 10 -12.80 -0.68 1.30
CA LYS B 10 -13.02 0.45 2.19
C LYS B 10 -11.71 1.08 2.60
N ALA B 11 -10.73 0.26 2.98
CA ALA B 11 -9.46 0.79 3.44
C ALA B 11 -8.76 1.55 2.34
N MET B 12 -8.74 1.01 1.13
CA MET B 12 -8.03 1.70 0.08
CA MET B 12 -8.07 1.68 0.02
C MET B 12 -8.76 2.98 -0.34
N ALA B 13 -10.10 2.99 -0.30
CA ALA B 13 -10.83 4.22 -0.57
C ALA B 13 -10.46 5.30 0.41
N MET B 14 -10.33 4.93 1.70
CA MET B 14 -9.88 5.88 2.71
C MET B 14 -8.48 6.40 2.38
N LEU B 15 -7.55 5.49 2.03
CA LEU B 15 -6.19 5.91 1.72
C LEU B 15 -6.17 6.83 0.50
N ILE B 16 -6.95 6.49 -0.54
CA ILE B 16 -6.97 7.33 -1.75
C ILE B 16 -7.58 8.68 -1.41
N ALA B 17 -8.59 8.70 -0.55
CA ALA B 17 -9.28 9.94 -0.23
C ALA B 17 -8.36 10.90 0.52
N THR B 18 -7.64 10.38 1.51
CA THR B 18 -6.67 11.21 2.24
C THR B 18 -5.58 11.70 1.31
N PHE B 19 -5.06 10.81 0.46
CA PHE B 19 -3.96 11.19 -0.42
C PHE B 19 -4.37 12.34 -1.34
N HIS B 20 -5.60 12.29 -1.85
CA HIS B 20 -6.04 13.30 -2.80
C HIS B 20 -6.33 14.62 -2.11
N LYS B 21 -6.77 14.58 -0.85
CA LYS B 21 -6.99 15.81 -0.11
C LYS B 21 -5.70 16.61 -0.03
N TYR B 22 -4.58 15.94 0.26
CA TYR B 22 -3.30 16.64 0.40
C TYR B 22 -2.62 16.88 -0.94
N SER B 23 -2.76 15.96 -1.89
CA SER B 23 -2.16 16.19 -3.19
C SER B 23 -2.83 17.34 -3.93
N GLY B 24 -4.09 17.61 -3.62
CA GLY B 24 -4.80 18.70 -4.27
C GLY B 24 -4.44 20.08 -3.77
N LYS B 25 -3.56 20.20 -2.79
CA LYS B 25 -3.25 21.51 -2.21
C LYS B 25 -2.19 22.27 -2.99
N GLU B 26 -1.30 21.59 -3.71
CA GLU B 26 -0.31 22.28 -4.54
C GLU B 26 0.22 21.33 -5.61
N GLY B 27 1.00 21.89 -6.52
CA GLY B 27 1.58 21.05 -7.56
C GLY B 27 0.53 20.29 -8.33
N ASP B 28 0.93 19.15 -8.89
CA ASP B 28 0.01 18.33 -9.66
C ASP B 28 -1.10 17.80 -8.76
N LYS B 29 -2.31 17.74 -9.30
CA LYS B 29 -3.45 17.26 -8.53
C LYS B 29 -3.32 15.78 -8.15
N LEU B 30 -2.51 15.01 -8.87
CA LEU B 30 -2.41 13.58 -8.64
C LEU B 30 -1.12 13.14 -7.94
N THR B 31 -0.27 14.08 -7.54
CA THR B 31 0.95 13.74 -6.81
C THR B 31 1.02 14.54 -5.53
N LEU B 32 1.83 14.06 -4.60
CA LEU B 32 1.92 14.66 -3.28
C LEU B 32 3.26 15.38 -3.18
N SER B 33 3.22 16.68 -2.96
CA SER B 33 4.44 17.43 -2.77
C SER B 33 5.09 17.01 -1.46
N LYS B 34 6.39 17.28 -1.34
CA LYS B 34 7.09 16.95 -0.11
C LYS B 34 6.47 17.69 1.08
N GLY B 35 6.20 18.98 0.90
CA GLY B 35 5.64 19.75 1.99
C GLY B 35 4.31 19.22 2.46
N GLU B 36 3.47 18.75 1.54
CA GLU B 36 2.17 18.22 1.90
C GLU B 36 2.26 16.80 2.46
N LEU B 37 3.24 16.00 2.02
CA LEU B 37 3.52 14.74 2.69
C LEU B 37 3.82 14.97 4.16
N LYS B 38 4.67 15.95 4.45
CA LYS B 38 5.00 16.26 5.85
C LYS B 38 3.74 16.57 6.64
N GLU B 39 2.89 17.46 6.10
CA GLU B 39 1.65 17.80 6.79
C GLU B 39 0.77 16.58 6.97
N LEU B 40 0.65 15.76 5.93
CA LEU B 40 -0.16 14.56 5.99
C LEU B 40 0.33 13.64 7.10
N LEU B 41 1.65 13.42 7.16
CA LEU B 41 2.19 12.49 8.17
C LEU B 41 1.92 12.99 9.58
N SER B 42 2.05 14.30 9.81
CA SER B 42 1.77 14.84 11.14
C SER B 42 0.32 14.66 11.53
N ALA B 43 -0.60 14.83 10.59
CA ALA B 43 -2.02 14.75 10.88
C ALA B 43 -2.50 13.30 10.99
N GLU B 44 -1.94 12.41 10.18
CA GLU B 44 -2.45 11.06 10.02
C GLU B 44 -1.65 10.00 10.77
N LEU B 45 -0.35 10.23 10.96
CA LEU B 45 0.47 9.30 11.74
C LEU B 45 1.11 10.08 12.89
N GLY B 46 0.29 10.76 13.68
CA GLY B 46 0.77 11.63 14.72
C GLY B 46 1.57 10.93 15.80
N ASP B 47 1.35 9.63 15.99
CA ASP B 47 2.06 8.91 17.05
C ASP B 47 3.54 8.74 16.75
N ILE B 48 3.99 9.09 15.55
CA ILE B 48 5.35 8.82 15.11
C ILE B 48 5.99 10.12 14.64
N PHE B 49 5.22 10.95 13.94
CA PHE B 49 5.68 12.23 13.41
C PHE B 49 5.08 13.33 14.27
N GLY B 50 5.77 13.68 15.35
CA GLY B 50 5.31 14.65 16.32
C GLY B 50 6.00 15.99 16.20
N LYS B 51 6.17 16.65 17.35
CA LYS B 51 6.66 18.02 17.37
C LYS B 51 8.14 18.09 16.98
N THR B 52 8.97 17.24 17.59
CA THR B 52 10.42 17.31 17.41
C THR B 52 10.95 16.33 16.36
N THR B 53 10.08 15.66 15.62
CA THR B 53 10.56 14.80 14.56
C THR B 53 11.55 15.57 13.69
N ASP B 54 12.72 14.97 13.47
CA ASP B 54 13.78 15.66 12.75
C ASP B 54 13.27 16.12 11.38
N LYS B 55 13.48 17.40 11.08
CA LYS B 55 13.03 17.95 9.81
C LYS B 55 13.62 17.19 8.63
N ALA B 56 14.81 16.61 8.81
CA ALA B 56 15.51 15.95 7.72
C ALA B 56 15.30 14.45 7.70
N ALA B 57 14.56 13.90 8.68
CA ALA B 57 14.14 12.50 8.57
C ALA B 57 13.30 12.29 7.32
N LEU B 58 12.50 13.30 6.97
CA LEU B 58 11.67 13.23 5.77
C LEU B 58 12.47 13.60 4.54
N ASP B 59 13.38 14.57 4.66
CA ASP B 59 14.21 14.96 3.52
C ASP B 59 14.89 13.76 2.90
N LYS B 60 15.51 12.92 3.73
CA LYS B 60 16.25 11.77 3.23
C LYS B 60 15.32 10.74 2.61
N ILE B 61 14.37 10.24 3.39
CA ILE B 61 13.48 9.19 2.92
C ILE B 61 12.62 9.65 1.75
N PHE B 62 12.36 10.94 1.64
CA PHE B 62 11.60 11.44 0.49
C PHE B 62 12.41 11.28 -0.80
N LYS B 63 13.73 11.36 -0.72
CA LYS B 63 14.57 11.15 -1.90
C LYS B 63 14.54 9.69 -2.35
N ASP B 64 14.60 8.75 -1.39
CA ASP B 64 14.55 7.34 -1.73
C ASP B 64 13.27 6.98 -2.47
N LEU B 65 12.18 7.72 -2.23
CA LEU B 65 10.86 7.37 -2.72
C LEU B 65 10.50 8.04 -4.04
N ASP B 66 10.92 9.29 -4.22
CA ASP B 66 10.59 10.06 -5.41
C ASP B 66 11.38 9.53 -6.59
N ALA B 67 10.82 8.57 -7.32
CA ALA B 67 11.58 7.82 -8.30
C ALA B 67 12.12 8.72 -9.41
N ASN B 68 11.27 9.61 -9.92
CA ASN B 68 11.69 10.46 -11.04
C ASN B 68 12.27 11.79 -10.57
N ALA B 69 12.44 11.98 -9.26
CA ALA B 69 13.09 13.18 -8.72
C ALA B 69 12.38 14.47 -9.12
N ASP B 70 11.06 14.41 -9.27
CA ASP B 70 10.30 15.59 -9.64
C ASP B 70 9.80 16.39 -8.43
N GLY B 71 10.12 15.95 -7.22
CA GLY B 71 9.72 16.62 -6.01
C GLY B 71 8.37 16.22 -5.47
N SER B 72 7.81 15.12 -5.97
CA SER B 72 6.50 14.65 -5.55
C SER B 72 6.53 13.14 -5.53
N VAL B 73 5.58 12.54 -4.80
CA VAL B 73 5.37 11.10 -4.84
C VAL B 73 3.97 10.82 -5.36
N ASP B 74 3.87 9.79 -6.19
CA ASP B 74 2.59 9.33 -6.70
C ASP B 74 1.96 8.42 -5.66
N PHE B 75 0.77 7.92 -5.93
CA PHE B 75 0.07 7.16 -4.90
C PHE B 75 0.83 5.89 -4.55
N GLN B 76 1.41 5.24 -5.56
CA GLN B 76 2.14 3.99 -5.31
C GLN B 76 3.32 4.22 -4.40
N GLU B 77 4.11 5.25 -4.68
CA GLU B 77 5.26 5.56 -3.83
C GLU B 77 4.79 5.90 -2.42
N TYR B 78 3.70 6.65 -2.33
CA TYR B 78 3.13 7.00 -1.04
C TYR B 78 2.75 5.77 -0.23
N ILE B 79 2.00 4.84 -0.82
CA ILE B 79 1.56 3.66 -0.09
CA ILE B 79 1.56 3.68 -0.06
C ILE B 79 2.76 2.84 0.35
N THR B 80 3.78 2.76 -0.50
CA THR B 80 5.01 2.05 -0.15
C THR B 80 5.60 2.61 1.14
N LEU B 81 5.59 3.94 1.29
CA LEU B 81 6.15 4.54 2.49
C LEU B 81 5.28 4.23 3.71
N ILE B 82 3.97 4.46 3.60
CA ILE B 82 3.08 4.25 4.74
C ILE B 82 3.13 2.81 5.21
N ALA B 83 3.12 1.87 4.26
CA ALA B 83 3.19 0.46 4.60
C ALA B 83 4.50 0.13 5.31
N CYS B 84 5.59 0.75 4.88
CA CYS B 84 6.88 0.48 5.53
C CYS B 84 6.90 1.04 6.94
N ILE B 85 6.43 2.27 7.11
CA ILE B 85 6.42 2.89 8.44
C ILE B 85 5.63 2.02 9.41
N THR B 86 4.45 1.56 8.99
CA THR B 86 3.58 0.81 9.88
C THR B 86 4.18 -0.51 10.33
N MET B 87 5.11 -1.06 9.56
CA MET B 87 5.77 -2.31 9.91
C MET B 87 7.24 -2.14 10.22
N LEU B 88 7.68 -0.90 10.43
CA LEU B 88 9.09 -0.57 10.60
C LEU B 88 9.95 -1.41 9.66
N CYS B 89 9.65 -1.31 8.38
CA CYS B 89 10.46 -2.04 7.43
C CYS B 89 11.82 -1.36 7.29
N ASN B 90 12.81 -2.15 6.88
CA ASN B 90 14.21 -1.73 6.87
C ASN B 90 14.37 -0.26 6.46
N GLU B 91 13.85 0.09 5.29
CA GLU B 91 14.00 1.44 4.76
C GLU B 91 13.43 2.48 5.72
NA NA C . 1.21 -18.05 4.78
NA NA D . 8.72 -14.07 -1.20
NA NA E . 0.10 17.84 -5.60
NA NA F . 8.25 12.02 -8.33
#